data_4EWR
#
_entry.id   4EWR
#
_cell.length_a   78.494
_cell.length_b   98.659
_cell.length_c   80.280
_cell.angle_alpha   90.00
_cell.angle_beta   90.00
_cell.angle_gamma   90.00
#
_symmetry.space_group_name_H-M   'C 2 2 21'
#
loop_
_entity.id
_entity.type
_entity.pdbx_description
1 polymer 'WD repeat-containing protein 5'
2 polymer 'Histone-lysine N-methyltransferase SETD1A'
3 water water
#
loop_
_entity_poly.entity_id
_entity_poly.type
_entity_poly.pdbx_seq_one_letter_code
_entity_poly.pdbx_strand_id
1 'polypeptide(L)'
;ATQSKPTPVKPNYALKFTLAGHTKAVSSVKFSPNGEWLASSSADKLIKIWGAYDGKFEKTISGHKLGISDVAWSSDSNLL
VSASDDKTLKIWDVSSGKCLKTLKGHSNYVFCCNFNPQSNLIVSGSFDESVRIWDVKTGKCLKTLPAHSDPVSAVHFNRD
GSLIVSSSYDGLCRIWDTASGQCLKTLIDDDNPPVSFVKFSPNGKYILAATLDNTLKLWDYSKGKCLKTYTGHKNEKYCI
FANFSVTGGKWIVSGSEDNLVYIWNLQTKEIVQKLQGHTDVVISTACHPTENIIASAALENDKTIKLWKSDC
;
A
2 'polypeptide(L)' EHQTGSARSEGYYP C
#
# COMPACT_ATOMS: atom_id res chain seq x y z
N VAL A 9 -26.74 4.61 5.19
CA VAL A 9 -26.05 5.88 4.99
C VAL A 9 -24.90 5.73 3.98
N LYS A 10 -24.75 6.72 3.11
CA LYS A 10 -23.68 6.72 2.12
C LYS A 10 -22.85 7.99 2.23
N PRO A 11 -21.53 7.88 1.98
CA PRO A 11 -20.70 9.07 2.06
C PRO A 11 -20.93 9.93 0.82
N ASN A 12 -20.45 11.17 0.86
CA ASN A 12 -20.47 11.96 -0.36
C ASN A 12 -19.12 12.57 -0.65
N TYR A 13 -18.19 11.73 -1.07
CA TYR A 13 -16.88 12.21 -1.45
C TYR A 13 -16.99 13.04 -2.73
N ALA A 14 -16.39 14.22 -2.69
CA ALA A 14 -16.39 15.12 -3.83
C ALA A 14 -14.97 15.57 -4.08
N LEU A 15 -14.62 15.73 -5.35
CA LEU A 15 -13.26 16.11 -5.72
C LEU A 15 -12.93 17.53 -5.25
N LYS A 16 -11.82 17.67 -4.54
CA LYS A 16 -11.39 18.98 -4.04
C LYS A 16 -10.12 19.49 -4.70
N PHE A 17 -9.14 18.61 -4.87
CA PHE A 17 -7.87 19.01 -5.47
C PHE A 17 -7.32 17.94 -6.40
N THR A 18 -6.61 18.38 -7.43
CA THR A 18 -5.88 17.48 -8.31
C THR A 18 -4.40 17.88 -8.25
N LEU A 19 -3.54 16.89 -8.00
CA LEU A 19 -2.13 17.14 -7.72
C LEU A 19 -1.27 16.65 -8.88
N ALA A 20 -0.65 17.58 -9.60
CA ALA A 20 0.18 17.25 -10.75
C ALA A 20 1.63 17.49 -10.41
N GLY A 21 2.51 16.64 -10.92
CA GLY A 21 3.92 16.85 -10.69
C GLY A 21 4.75 15.65 -11.06
N HIS A 22 4.24 14.45 -10.81
CA HIS A 22 4.98 13.27 -11.23
C HIS A 22 5.03 13.15 -12.75
N THR A 23 6.14 12.68 -13.26
CA THR A 23 6.33 12.65 -14.72
C THR A 23 6.12 11.26 -15.32
N LYS A 24 5.83 10.28 -14.46
CA LYS A 24 5.47 8.95 -14.90
C LYS A 24 4.34 8.48 -14.00
N ALA A 25 3.89 7.24 -14.20
CA ALA A 25 2.84 6.68 -13.36
C ALA A 25 3.11 6.89 -11.87
N VAL A 26 2.06 7.22 -11.13
CA VAL A 26 2.16 7.26 -9.68
C VAL A 26 1.96 5.82 -9.22
N SER A 27 2.72 5.39 -8.21
CA SER A 27 2.65 4.00 -7.77
C SER A 27 2.01 3.82 -6.40
N SER A 28 2.12 4.81 -5.52
CA SER A 28 1.55 4.69 -4.19
C SER A 28 1.33 6.07 -3.57
N VAL A 29 0.26 6.19 -2.77
CA VAL A 29 0.05 7.39 -1.94
C VAL A 29 -0.25 6.97 -0.51
N LYS A 30 0.25 7.73 0.46
CA LYS A 30 0.08 7.43 1.88
C LYS A 30 -0.01 8.73 2.67
N PHE A 31 -1.00 8.83 3.56
CA PHE A 31 -1.08 9.95 4.48
C PHE A 31 -0.18 9.74 5.70
N SER A 32 0.49 10.79 6.15
CA SER A 32 1.27 10.68 7.39
C SER A 32 0.34 10.42 8.56
N PRO A 33 0.81 9.64 9.56
CA PRO A 33 -0.04 9.35 10.72
C PRO A 33 -0.50 10.59 11.47
N ASN A 34 0.26 11.67 11.40
CA ASN A 34 -0.14 12.92 12.07
C ASN A 34 -1.09 13.76 11.24
N GLY A 35 -1.44 13.27 10.05
CA GLY A 35 -2.45 13.91 9.22
C GLY A 35 -2.01 15.15 8.45
N GLU A 36 -0.75 15.54 8.58
CA GLU A 36 -0.29 16.77 7.96
C GLU A 36 0.08 16.62 6.48
N TRP A 37 0.53 15.43 6.09
CA TRP A 37 1.14 15.26 4.77
C TRP A 37 0.60 14.08 3.99
N LEU A 38 0.73 14.17 2.68
CA LEU A 38 0.59 13.02 1.80
C LEU A 38 1.94 12.77 1.15
N ALA A 39 2.39 11.53 1.12
CA ALA A 39 3.58 11.15 0.38
C ALA A 39 3.18 10.35 -0.83
N SER A 40 3.82 10.59 -1.97
CA SER A 40 3.54 9.81 -3.17
C SER A 40 4.84 9.27 -3.74
N SER A 41 4.78 8.09 -4.34
CA SER A 41 5.94 7.53 -5.03
C SER A 41 5.58 7.31 -6.48
N SER A 42 6.58 7.22 -7.33
CA SER A 42 6.34 7.13 -8.76
C SER A 42 7.37 6.33 -9.52
N ALA A 43 6.96 5.83 -10.67
CA ALA A 43 7.87 5.25 -11.63
C ALA A 43 8.93 6.25 -12.11
N ASP A 44 8.74 7.54 -11.80
CA ASP A 44 9.72 8.57 -12.16
C ASP A 44 10.93 8.66 -11.20
N LYS A 45 11.00 7.71 -10.27
CA LYS A 45 12.11 7.57 -9.30
C LYS A 45 12.05 8.57 -8.15
N LEU A 46 10.94 9.30 -8.03
CA LEU A 46 10.83 10.36 -7.04
C LEU A 46 9.75 10.07 -6.01
N ILE A 47 9.97 10.61 -4.82
CA ILE A 47 8.94 10.75 -3.80
C ILE A 47 8.54 12.21 -3.73
N LYS A 48 7.25 12.48 -3.68
CA LYS A 48 6.79 13.85 -3.48
C LYS A 48 5.96 13.97 -2.21
N ILE A 49 6.07 15.10 -1.54
CA ILE A 49 5.33 15.39 -0.33
C ILE A 49 4.36 16.52 -0.64
N TRP A 50 3.11 16.37 -0.19
CA TRP A 50 2.06 17.35 -0.43
C TRP A 50 1.29 17.64 0.87
N GLY A 51 0.77 18.85 1.01
CA GLY A 51 -0.12 19.16 2.11
C GLY A 51 -1.38 18.31 2.06
N ALA A 52 -1.72 17.69 3.19
CA ALA A 52 -2.82 16.73 3.19
C ALA A 52 -4.19 17.39 3.04
N TYR A 53 -4.31 18.65 3.46
CA TYR A 53 -5.59 19.32 3.49
C TYR A 53 -5.82 20.23 2.28
N ASP A 54 -4.73 20.76 1.73
CA ASP A 54 -4.84 21.71 0.61
C ASP A 54 -4.21 21.19 -0.67
N GLY A 55 -3.52 20.06 -0.58
CA GLY A 55 -2.88 19.47 -1.74
C GLY A 55 -1.67 20.24 -2.23
N LYS A 56 -1.21 21.19 -1.42
CA LYS A 56 -0.13 22.07 -1.85
C LYS A 56 1.19 21.32 -1.90
N PHE A 57 1.88 21.40 -3.04
CA PHE A 57 3.18 20.72 -3.17
C PHE A 57 4.17 21.22 -2.14
N GLU A 58 4.84 20.30 -1.45
CA GLU A 58 5.80 20.65 -0.42
C GLU A 58 7.24 20.47 -0.88
N LYS A 59 7.64 19.25 -1.23
CA LYS A 59 9.02 19.00 -1.65
C LYS A 59 9.14 17.68 -2.40
N THR A 60 10.24 17.53 -3.16
CA THR A 60 10.58 16.28 -3.82
C THR A 60 11.76 15.63 -3.11
N ILE A 61 11.70 14.30 -2.95
CA ILE A 61 12.79 13.57 -2.35
C ILE A 61 13.33 12.59 -3.39
N SER A 62 14.63 12.69 -3.65
CA SER A 62 15.26 12.02 -4.79
C SER A 62 16.42 11.16 -4.31
N GLY A 63 16.75 10.14 -5.10
CA GLY A 63 17.91 9.32 -4.79
C GLY A 63 17.89 7.91 -5.38
N HIS A 64 16.70 7.34 -5.54
CA HIS A 64 16.63 6.02 -6.17
C HIS A 64 17.11 6.06 -7.62
N LYS A 65 17.70 4.96 -8.07
CA LYS A 65 18.22 4.87 -9.43
C LYS A 65 17.20 4.41 -10.46
N LEU A 66 16.13 3.77 -9.99
CA LEU A 66 15.04 3.30 -10.83
C LEU A 66 13.71 3.60 -10.16
N GLY A 67 12.61 3.29 -10.85
CA GLY A 67 11.29 3.65 -10.37
C GLY A 67 10.94 3.04 -9.02
N ILE A 68 10.02 3.68 -8.33
CA ILE A 68 9.62 3.28 -6.98
C ILE A 68 8.24 2.68 -7.03
N SER A 69 8.06 1.54 -6.37
CA SER A 69 6.76 0.86 -6.34
C SER A 69 5.95 1.09 -5.07
N ASP A 70 6.59 1.57 -4.00
CA ASP A 70 5.88 1.74 -2.72
C ASP A 70 6.64 2.72 -1.82
N VAL A 71 5.90 3.43 -0.96
CA VAL A 71 6.50 4.30 0.05
C VAL A 71 5.62 4.17 1.30
N ALA A 72 6.21 4.32 2.49
CA ALA A 72 5.45 4.17 3.73
C ALA A 72 6.03 5.03 4.83
N TRP A 73 5.16 5.51 5.73
CA TRP A 73 5.56 6.40 6.82
C TRP A 73 5.89 5.64 8.09
N SER A 74 6.83 6.19 8.86
CA SER A 74 7.03 5.76 10.24
C SER A 74 5.90 6.30 11.11
N SER A 75 5.69 5.70 12.27
CA SER A 75 4.48 6.05 13.02
C SER A 75 4.52 7.47 13.63
N ASP A 76 5.73 8.04 13.76
CA ASP A 76 5.86 9.43 14.24
C ASP A 76 5.88 10.48 13.12
N SER A 77 5.63 10.02 11.89
CA SER A 77 5.57 10.89 10.71
C SER A 77 6.89 11.54 10.33
N ASN A 78 8.00 11.04 10.87
CA ASN A 78 9.30 11.66 10.62
C ASN A 78 10.11 11.00 9.51
N LEU A 79 9.86 9.71 9.27
CA LEU A 79 10.61 8.94 8.29
C LEU A 79 9.72 8.36 7.22
N LEU A 80 10.30 8.15 6.03
CA LEU A 80 9.68 7.37 4.99
C LEU A 80 10.57 6.20 4.66
N VAL A 81 9.99 5.09 4.20
CA VAL A 81 10.75 4.05 3.53
C VAL A 81 10.18 3.84 2.14
N SER A 82 11.06 3.66 1.15
CA SER A 82 10.63 3.43 -0.23
C SER A 82 11.22 2.12 -0.76
N ALA A 83 10.50 1.49 -1.69
CA ALA A 83 10.89 0.20 -2.29
C ALA A 83 11.03 0.41 -3.81
N SER A 84 12.19 0.06 -4.37
CA SER A 84 12.50 0.39 -5.76
C SER A 84 12.90 -0.78 -6.65
N ASP A 85 12.70 -0.61 -7.95
CA ASP A 85 13.22 -1.53 -8.96
C ASP A 85 14.75 -1.59 -8.92
N ASP A 86 15.40 -0.63 -8.28
CA ASP A 86 16.87 -0.68 -8.14
C ASP A 86 17.34 -1.73 -7.12
N LYS A 87 16.37 -2.46 -6.56
CA LYS A 87 16.58 -3.60 -5.67
C LYS A 87 16.95 -3.17 -4.26
N THR A 88 16.76 -1.88 -3.98
CA THR A 88 17.00 -1.36 -2.65
C THR A 88 15.74 -0.79 -2.03
N LEU A 89 15.79 -0.66 -0.71
CA LEU A 89 14.91 0.25 -0.02
C LEU A 89 15.73 1.42 0.48
N LYS A 90 15.09 2.58 0.63
CA LYS A 90 15.77 3.71 1.23
C LYS A 90 14.95 4.23 2.39
N ILE A 91 15.63 4.57 3.49
CA ILE A 91 14.99 5.22 4.63
C ILE A 91 15.33 6.69 4.55
N TRP A 92 14.29 7.54 4.61
CA TRP A 92 14.46 8.98 4.45
C TRP A 92 14.06 9.75 5.68
N ASP A 93 14.83 10.78 6.02
CA ASP A 93 14.36 11.74 7.00
C ASP A 93 13.57 12.79 6.24
N VAL A 94 12.27 12.87 6.50
CA VAL A 94 11.40 13.72 5.70
C VAL A 94 11.76 15.20 5.80
N SER A 95 12.02 15.67 7.03
CA SER A 95 12.31 17.09 7.24
C SER A 95 13.56 17.56 6.50
N SER A 96 14.62 16.74 6.49
CA SER A 96 15.87 17.15 5.86
C SER A 96 15.98 16.66 4.42
N GLY A 97 15.14 15.71 4.06
CA GLY A 97 15.25 15.08 2.76
C GLY A 97 16.39 14.08 2.61
N LYS A 98 17.15 13.85 3.68
CA LYS A 98 18.32 12.98 3.59
C LYS A 98 17.96 11.50 3.51
N CYS A 99 18.69 10.77 2.68
CA CYS A 99 18.64 9.31 2.73
C CYS A 99 19.50 8.82 3.89
N LEU A 100 18.84 8.30 4.94
CA LEU A 100 19.56 7.88 6.14
C LEU A 100 20.27 6.55 5.94
N LYS A 101 19.59 5.62 5.26
CA LYS A 101 20.12 4.28 5.00
C LYS A 101 19.63 3.78 3.67
N THR A 102 20.46 3.01 2.98
CA THR A 102 20.04 2.26 1.80
C THR A 102 20.13 0.79 2.17
N LEU A 103 19.00 0.09 2.04
CA LEU A 103 18.87 -1.29 2.49
C LEU A 103 19.10 -2.22 1.31
N LYS A 104 20.24 -2.92 1.36
CA LYS A 104 20.66 -3.75 0.26
C LYS A 104 20.65 -5.20 0.70
N GLY A 105 20.07 -6.07 -0.14
CA GLY A 105 19.99 -7.47 0.21
C GLY A 105 19.05 -8.22 -0.71
N HIS A 106 17.97 -7.59 -1.14
CA HIS A 106 17.10 -8.26 -2.10
C HIS A 106 17.85 -8.47 -3.41
N SER A 107 17.53 -9.58 -4.09
CA SER A 107 18.20 -9.90 -5.35
C SER A 107 17.39 -9.55 -6.59
N ASN A 108 16.21 -8.96 -6.38
CA ASN A 108 15.37 -8.51 -7.48
C ASN A 108 14.57 -7.32 -6.99
N TYR A 109 13.71 -6.77 -7.85
CA TYR A 109 12.93 -5.56 -7.53
C TYR A 109 12.29 -5.61 -6.15
N VAL A 110 12.33 -4.51 -5.42
CA VAL A 110 11.60 -4.44 -4.15
C VAL A 110 10.25 -3.82 -4.46
N PHE A 111 9.18 -4.46 -4.01
CA PHE A 111 7.83 -4.13 -4.46
C PHE A 111 7.00 -3.43 -3.40
N CYS A 112 7.26 -3.75 -2.14
CA CYS A 112 6.39 -3.34 -1.06
C CYS A 112 7.16 -3.19 0.23
N CYS A 113 6.66 -2.32 1.11
CA CYS A 113 7.39 -2.04 2.35
C CYS A 113 6.51 -1.40 3.39
N ASN A 114 6.91 -1.56 4.66
CA ASN A 114 6.20 -0.95 5.78
C ASN A 114 7.08 -0.95 7.01
N PHE A 115 6.88 0.04 7.88
CA PHE A 115 7.47 0.03 9.21
C PHE A 115 6.58 -0.78 10.13
N ASN A 116 7.15 -1.32 11.21
CA ASN A 116 6.31 -1.85 12.26
C ASN A 116 5.75 -0.68 13.08
N PRO A 117 4.69 -0.91 13.88
CA PRO A 117 4.11 0.19 14.67
C PRO A 117 5.13 0.91 15.57
N GLN A 118 6.10 0.20 16.14
CA GLN A 118 7.16 0.85 16.91
C GLN A 118 8.01 1.71 16.00
N SER A 119 8.15 1.29 14.74
CA SER A 119 9.01 1.93 13.75
C SER A 119 10.51 1.70 13.97
N ASN A 120 10.85 0.60 14.64
CA ASN A 120 12.24 0.15 14.75
C ASN A 120 12.59 -0.90 13.70
N LEU A 121 11.58 -1.42 13.02
CA LEU A 121 11.79 -2.43 11.99
C LEU A 121 11.11 -2.01 10.69
N ILE A 122 11.69 -2.46 9.59
CA ILE A 122 11.02 -2.37 8.29
C ILE A 122 10.84 -3.78 7.74
N VAL A 123 9.67 -4.06 7.16
CA VAL A 123 9.48 -5.29 6.40
C VAL A 123 9.39 -4.96 4.91
N SER A 124 9.97 -5.81 4.08
CA SER A 124 9.94 -5.61 2.63
C SER A 124 9.61 -6.91 1.91
N GLY A 125 8.99 -6.79 0.73
CA GLY A 125 8.75 -7.93 -0.13
C GLY A 125 9.28 -7.65 -1.51
N SER A 126 9.71 -8.70 -2.20
CA SER A 126 10.43 -8.53 -3.44
C SER A 126 10.03 -9.52 -4.53
N PHE A 127 10.37 -9.19 -5.77
CA PHE A 127 10.28 -10.13 -6.88
C PHE A 127 11.20 -11.35 -6.69
N ASP A 128 12.12 -11.26 -5.73
CA ASP A 128 12.98 -12.42 -5.44
C ASP A 128 12.28 -13.48 -4.58
N GLU A 129 10.99 -13.25 -4.31
CA GLU A 129 10.09 -14.21 -3.65
C GLU A 129 10.29 -14.27 -2.13
N SER A 130 11.12 -13.37 -1.61
CA SER A 130 11.38 -13.31 -0.17
C SER A 130 10.77 -12.10 0.53
N VAL A 131 10.69 -12.24 1.84
CA VAL A 131 10.35 -11.16 2.75
C VAL A 131 11.58 -10.92 3.62
N ARG A 132 12.01 -9.66 3.72
CA ARG A 132 13.12 -9.31 4.61
C ARG A 132 12.67 -8.37 5.72
N ILE A 133 13.31 -8.52 6.88
CA ILE A 133 13.03 -7.68 8.04
C ILE A 133 14.33 -6.96 8.35
N TRP A 134 14.25 -5.64 8.48
CA TRP A 134 15.45 -4.83 8.58
C TRP A 134 15.42 -3.97 9.84
N ASP A 135 16.60 -3.77 10.44
CA ASP A 135 16.71 -2.84 11.57
C ASP A 135 16.82 -1.41 11.06
N VAL A 136 15.93 -0.54 11.53
CA VAL A 136 15.85 0.83 11.02
C VAL A 136 17.11 1.65 11.34
N LYS A 137 17.62 1.51 12.56
CA LYS A 137 18.76 2.32 13.00
C LYS A 137 20.06 2.00 12.26
N THR A 138 20.34 0.72 12.09
CA THR A 138 21.57 0.27 11.45
C THR A 138 21.41 0.07 9.94
N GLY A 139 20.17 -0.09 9.49
CA GLY A 139 19.91 -0.31 8.07
C GLY A 139 20.33 -1.71 7.65
N LYS A 140 20.47 -2.59 8.63
CA LYS A 140 20.98 -3.94 8.41
C LYS A 140 19.84 -4.95 8.39
N CYS A 141 19.97 -5.98 7.56
CA CYS A 141 18.94 -7.02 7.49
C CYS A 141 19.04 -7.98 8.67
N LEU A 142 17.91 -8.18 9.35
CA LEU A 142 17.87 -9.06 10.52
C LEU A 142 17.44 -10.48 10.15
N LYS A 143 16.49 -10.59 9.23
CA LYS A 143 15.94 -11.89 8.84
C LYS A 143 15.54 -11.91 7.38
N THR A 144 15.75 -13.04 6.72
CA THR A 144 15.25 -13.25 5.37
C THR A 144 14.34 -14.48 5.42
N LEU A 145 13.09 -14.28 5.01
CA LEU A 145 12.09 -15.36 5.02
C LEU A 145 11.88 -15.84 3.59
N PRO A 146 12.08 -17.15 3.35
CA PRO A 146 11.79 -17.77 2.05
C PRO A 146 10.29 -17.95 1.92
N ALA A 147 9.61 -16.82 1.71
CA ALA A 147 8.20 -16.72 2.01
C ALA A 147 7.25 -17.30 0.98
N HIS A 148 7.61 -17.16 -0.29
CA HIS A 148 6.70 -17.45 -1.38
C HIS A 148 7.44 -18.08 -2.58
N SER A 149 6.69 -18.50 -3.59
CA SER A 149 7.26 -19.06 -4.81
C SER A 149 7.01 -18.19 -6.05
N ASP A 150 6.70 -16.91 -5.81
CA ASP A 150 6.45 -15.92 -6.85
C ASP A 150 6.63 -14.58 -6.16
N PRO A 151 6.65 -13.47 -6.93
CA PRO A 151 6.86 -12.17 -6.30
C PRO A 151 5.92 -11.86 -5.14
N VAL A 152 6.45 -11.15 -4.15
CA VAL A 152 5.68 -10.78 -2.97
C VAL A 152 5.06 -9.41 -3.21
N SER A 153 3.73 -9.34 -3.16
CA SER A 153 3.02 -8.13 -3.57
C SER A 153 2.72 -7.17 -2.43
N ALA A 154 2.69 -7.67 -1.20
CA ALA A 154 2.42 -6.81 -0.05
C ALA A 154 2.94 -7.43 1.23
N VAL A 155 3.28 -6.56 2.18
CA VAL A 155 3.77 -6.95 3.51
C VAL A 155 3.26 -5.94 4.52
N HIS A 156 2.81 -6.41 5.68
CA HIS A 156 2.24 -5.50 6.67
C HIS A 156 2.39 -6.11 8.06
N PHE A 157 2.73 -5.29 9.05
CA PHE A 157 2.75 -5.75 10.45
C PHE A 157 1.38 -5.59 11.07
N ASN A 158 1.08 -6.44 12.05
CA ASN A 158 -0.15 -6.27 12.80
C ASN A 158 -0.01 -5.21 13.88
N ARG A 159 -1.06 -5.05 14.69
CA ARG A 159 -1.18 -3.91 15.59
C ARG A 159 -0.04 -3.79 16.62
N ASP A 160 0.42 -4.93 17.14
CA ASP A 160 1.52 -4.90 18.11
C ASP A 160 2.87 -5.27 17.51
N GLY A 161 2.89 -5.54 16.20
CA GLY A 161 4.15 -5.81 15.53
C GLY A 161 4.67 -7.23 15.63
N SER A 162 3.91 -8.10 16.30
CA SER A 162 4.35 -9.47 16.53
C SER A 162 4.18 -10.36 15.31
N LEU A 163 3.31 -9.95 14.38
CA LEU A 163 3.05 -10.73 13.18
C LEU A 163 3.28 -9.89 11.92
N ILE A 164 3.64 -10.58 10.84
CA ILE A 164 3.71 -9.99 9.50
C ILE A 164 2.78 -10.78 8.61
N VAL A 165 1.97 -10.09 7.81
CA VAL A 165 1.23 -10.78 6.75
C VAL A 165 1.87 -10.45 5.39
N SER A 166 1.98 -11.45 4.54
CA SER A 166 2.54 -11.27 3.21
C SER A 166 1.59 -11.86 2.18
N SER A 167 1.65 -11.35 0.96
CA SER A 167 0.85 -11.90 -0.13
C SER A 167 1.73 -12.05 -1.35
N SER A 168 1.31 -12.93 -2.26
CA SER A 168 2.12 -13.23 -3.42
C SER A 168 1.30 -13.62 -4.64
N TYR A 169 1.91 -13.43 -5.81
CA TYR A 169 1.38 -13.92 -7.07
C TYR A 169 1.17 -15.44 -7.02
N ASP A 170 1.82 -16.12 -6.07
CA ASP A 170 1.66 -17.57 -5.93
C ASP A 170 0.29 -17.97 -5.41
N GLY A 171 -0.54 -16.98 -5.07
CA GLY A 171 -1.91 -17.23 -4.65
C GLY A 171 -2.11 -17.34 -3.15
N LEU A 172 -1.04 -17.19 -2.38
CA LEU A 172 -1.10 -17.36 -0.94
C LEU A 172 -0.98 -16.06 -0.17
N CYS A 173 -1.65 -16.01 0.97
CA CYS A 173 -1.35 -15.08 2.04
C CYS A 173 -0.71 -15.88 3.16
N ARG A 174 0.39 -15.37 3.70
CA ARG A 174 1.04 -16.05 4.82
C ARG A 174 1.25 -15.12 6.00
N ILE A 175 1.13 -15.68 7.20
CA ILE A 175 1.34 -14.92 8.43
C ILE A 175 2.60 -15.45 9.10
N TRP A 176 3.51 -14.55 9.45
CA TRP A 176 4.82 -14.91 9.98
C TRP A 176 5.01 -14.34 11.38
N ASP A 177 5.66 -15.12 12.24
CA ASP A 177 6.09 -14.59 13.53
C ASP A 177 7.31 -13.67 13.32
N THR A 178 7.19 -12.41 13.71
CA THR A 178 8.26 -11.44 13.49
C THR A 178 9.56 -11.89 14.17
N ALA A 179 9.43 -12.29 15.43
CA ALA A 179 10.60 -12.65 16.23
C ALA A 179 11.30 -13.93 15.76
N SER A 180 10.55 -14.95 15.40
CA SER A 180 11.12 -16.26 15.06
C SER A 180 11.23 -16.54 13.56
N GLY A 181 10.44 -15.83 12.76
CA GLY A 181 10.41 -16.09 11.32
C GLY A 181 9.60 -17.30 10.89
N GLN A 182 8.92 -17.95 11.83
CA GLN A 182 8.14 -19.14 11.48
C GLN A 182 6.86 -18.76 10.74
N CYS A 183 6.48 -19.57 9.74
CA CYS A 183 5.18 -19.42 9.11
C CYS A 183 4.11 -19.99 10.02
N LEU A 184 3.22 -19.12 10.50
CA LEU A 184 2.16 -19.51 11.42
C LEU A 184 0.88 -19.93 10.71
N LYS A 185 0.64 -19.41 9.51
CA LYS A 185 -0.61 -19.72 8.82
C LYS A 185 -0.47 -19.43 7.34
N THR A 186 -1.12 -20.23 6.52
CA THR A 186 -1.26 -19.96 5.08
C THR A 186 -2.76 -19.89 4.79
N LEU A 187 -3.18 -18.80 4.15
CA LEU A 187 -4.58 -18.57 3.84
C LEU A 187 -4.79 -18.53 2.34
N ILE A 188 -5.81 -19.25 1.88
CA ILE A 188 -6.20 -19.29 0.48
C ILE A 188 -7.64 -19.78 0.42
N ASP A 189 -8.43 -19.22 -0.50
CA ASP A 189 -9.83 -19.62 -0.64
C ASP A 189 -9.98 -20.69 -1.72
N ASP A 190 -11.18 -20.82 -2.29
CA ASP A 190 -11.48 -21.97 -3.16
C ASP A 190 -10.84 -21.94 -4.56
N ASP A 191 -10.30 -20.78 -4.95
CA ASP A 191 -9.60 -20.64 -6.23
C ASP A 191 -8.19 -20.11 -5.91
N ASN A 192 -7.27 -20.15 -6.88
CA ASN A 192 -5.87 -19.72 -6.63
C ASN A 192 -5.33 -18.51 -7.40
N PRO A 193 -6.13 -17.44 -7.52
CA PRO A 193 -5.60 -16.30 -8.28
C PRO A 193 -4.47 -15.61 -7.54
N PRO A 194 -3.57 -14.91 -8.27
CA PRO A 194 -2.55 -14.12 -7.58
C PRO A 194 -3.17 -13.22 -6.53
N VAL A 195 -2.54 -13.13 -5.37
CA VAL A 195 -2.96 -12.20 -4.34
C VAL A 195 -2.12 -10.94 -4.53
N SER A 196 -2.81 -9.83 -4.72
CA SER A 196 -2.17 -8.59 -5.15
C SER A 196 -2.00 -7.54 -4.05
N PHE A 197 -2.65 -7.75 -2.90
CA PHE A 197 -2.52 -6.86 -1.76
C PHE A 197 -3.05 -7.54 -0.51
N VAL A 198 -2.43 -7.24 0.64
CA VAL A 198 -2.96 -7.62 1.96
C VAL A 198 -2.61 -6.56 2.98
N LYS A 199 -3.46 -6.43 4.00
CA LYS A 199 -3.11 -5.67 5.19
C LYS A 199 -3.99 -6.08 6.37
N PHE A 200 -3.47 -5.91 7.57
CA PHE A 200 -4.29 -6.09 8.78
C PHE A 200 -5.27 -4.93 8.95
N SER A 201 -6.43 -5.22 9.53
CA SER A 201 -7.42 -4.22 9.88
C SER A 201 -6.88 -3.38 11.03
N PRO A 202 -7.43 -2.17 11.22
CA PRO A 202 -6.92 -1.29 12.28
C PRO A 202 -6.98 -1.95 13.67
N ASN A 203 -7.97 -2.79 13.93
CA ASN A 203 -8.06 -3.46 15.22
C ASN A 203 -7.23 -4.74 15.27
N GLY A 204 -6.66 -5.14 14.14
CA GLY A 204 -5.80 -6.31 14.09
C GLY A 204 -6.47 -7.66 13.96
N LYS A 205 -7.80 -7.68 13.99
CA LYS A 205 -8.55 -8.94 13.96
C LYS A 205 -8.61 -9.56 12.57
N TYR A 206 -8.61 -8.70 11.56
CA TYR A 206 -8.87 -9.14 10.20
C TYR A 206 -7.72 -8.87 9.27
N ILE A 207 -7.73 -9.57 8.15
CA ILE A 207 -6.83 -9.28 7.06
C ILE A 207 -7.69 -8.99 5.84
N LEU A 208 -7.40 -7.89 5.16
CA LEU A 208 -8.08 -7.53 3.92
C LEU A 208 -7.16 -7.92 2.80
N ALA A 209 -7.63 -8.77 1.88
CA ALA A 209 -6.79 -9.27 0.80
C ALA A 209 -7.45 -9.02 -0.55
N ALA A 210 -6.66 -8.55 -1.51
CA ALA A 210 -7.15 -8.40 -2.88
C ALA A 210 -6.57 -9.52 -3.73
N THR A 211 -7.38 -10.04 -4.64
CA THR A 211 -6.91 -11.01 -5.61
C THR A 211 -7.23 -10.54 -7.03
N LEU A 212 -6.47 -11.03 -8.00
CA LEU A 212 -6.58 -10.58 -9.38
C LEU A 212 -7.71 -11.27 -10.12
N ASP A 213 -8.79 -11.53 -9.38
CA ASP A 213 -10.04 -12.00 -9.96
C ASP A 213 -11.16 -11.06 -9.54
N ASN A 214 -10.86 -9.76 -9.48
CA ASN A 214 -11.85 -8.73 -9.22
C ASN A 214 -12.51 -8.88 -7.86
N THR A 215 -11.74 -9.24 -6.84
CA THR A 215 -12.33 -9.53 -5.55
C THR A 215 -11.47 -9.02 -4.40
N LEU A 216 -12.12 -8.42 -3.40
CA LEU A 216 -11.50 -8.16 -2.10
C LEU A 216 -12.15 -9.05 -1.08
N LYS A 217 -11.37 -9.54 -0.12
CA LYS A 217 -11.91 -10.42 0.92
C LYS A 217 -11.43 -10.01 2.30
N LEU A 218 -12.35 -10.06 3.26
CA LEU A 218 -12.00 -9.84 4.66
C LEU A 218 -11.91 -11.18 5.37
N TRP A 219 -10.74 -11.50 5.90
CA TRP A 219 -10.49 -12.76 6.59
C TRP A 219 -10.40 -12.56 8.08
N ASP A 220 -11.01 -13.45 8.85
CA ASP A 220 -10.76 -13.50 10.28
C ASP A 220 -9.46 -14.27 10.44
N TYR A 221 -8.43 -13.57 10.89
CA TYR A 221 -7.11 -14.17 10.99
C TYR A 221 -7.06 -15.37 11.94
N SER A 222 -7.54 -15.18 13.17
CA SER A 222 -7.44 -16.23 14.18
C SER A 222 -8.16 -17.50 13.74
N LYS A 223 -9.29 -17.34 13.06
CA LYS A 223 -10.11 -18.49 12.66
C LYS A 223 -9.75 -19.03 11.26
N GLY A 224 -8.99 -18.25 10.50
CA GLY A 224 -8.60 -18.64 9.15
C GLY A 224 -9.79 -18.78 8.20
N LYS A 225 -10.77 -17.91 8.37
CA LYS A 225 -12.00 -17.98 7.60
C LYS A 225 -12.26 -16.67 6.86
N CYS A 226 -12.76 -16.77 5.62
CA CYS A 226 -13.22 -15.60 4.89
C CYS A 226 -14.60 -15.21 5.41
N LEU A 227 -14.72 -13.97 5.85
CA LEU A 227 -15.95 -13.48 6.45
C LEU A 227 -16.80 -12.69 5.46
N LYS A 228 -16.15 -11.89 4.62
CA LYS A 228 -16.84 -10.98 3.72
C LYS A 228 -16.09 -10.86 2.40
N THR A 229 -16.84 -10.66 1.31
CA THR A 229 -16.21 -10.41 0.02
C THR A 229 -16.79 -9.12 -0.57
N TYR A 230 -15.94 -8.34 -1.24
CA TYR A 230 -16.34 -7.09 -1.85
C TYR A 230 -16.07 -7.18 -3.33
N THR A 231 -17.11 -6.99 -4.13
CA THR A 231 -17.01 -7.14 -5.57
C THR A 231 -17.72 -5.99 -6.26
N GLY A 232 -17.52 -5.89 -7.57
CA GLY A 232 -18.13 -4.85 -8.37
C GLY A 232 -17.12 -4.02 -9.13
N HIS A 233 -15.85 -4.11 -8.73
CA HIS A 233 -14.79 -3.37 -9.39
C HIS A 233 -14.05 -4.26 -10.36
N LYS A 234 -13.07 -3.67 -11.04
CA LYS A 234 -12.23 -4.42 -11.96
C LYS A 234 -10.80 -4.45 -11.45
N ASN A 235 -10.26 -5.65 -11.29
CA ASN A 235 -8.87 -5.80 -10.85
C ASN A 235 -8.35 -7.17 -11.26
N GLU A 236 -7.72 -7.23 -12.43
CA GLU A 236 -7.17 -8.47 -12.96
C GLU A 236 -5.68 -8.38 -13.30
N LYS A 237 -5.10 -7.18 -13.22
CA LYS A 237 -3.75 -6.95 -13.71
C LYS A 237 -2.80 -6.26 -12.73
N TYR A 238 -3.31 -5.28 -11.98
CA TYR A 238 -2.44 -4.45 -11.15
C TYR A 238 -2.57 -4.71 -9.67
N CYS A 239 -1.47 -4.44 -8.94
CA CYS A 239 -1.49 -4.59 -7.50
C CYS A 239 -1.98 -3.29 -6.87
N ILE A 240 -3.30 -3.23 -6.75
CA ILE A 240 -4.02 -2.05 -6.30
C ILE A 240 -4.20 -2.13 -4.79
N PHE A 241 -3.84 -1.05 -4.09
CA PHE A 241 -4.01 -0.99 -2.64
C PHE A 241 -5.48 -0.97 -2.25
N ALA A 242 -5.77 -1.36 -1.02
CA ALA A 242 -7.12 -1.19 -0.49
C ALA A 242 -7.04 -0.68 0.94
N ASN A 243 -8.08 0.01 1.40
CA ASN A 243 -8.04 0.66 2.71
C ASN A 243 -9.26 0.39 3.55
N PHE A 244 -9.09 0.51 4.86
CA PHE A 244 -10.21 0.67 5.79
C PHE A 244 -10.39 2.16 6.06
N SER A 245 -11.57 2.70 5.73
CA SER A 245 -11.88 4.08 6.08
C SER A 245 -12.65 4.08 7.40
N VAL A 246 -12.18 4.84 8.38
CA VAL A 246 -12.69 4.76 9.75
C VAL A 246 -13.09 6.11 10.37
N THR A 247 -12.87 7.20 9.66
CA THR A 247 -13.13 8.52 10.22
C THR A 247 -14.62 8.88 10.26
N GLY A 248 -15.39 8.31 9.35
CA GLY A 248 -16.83 8.50 9.33
C GLY A 248 -17.48 7.14 9.38
N GLY A 249 -18.24 6.81 8.34
CA GLY A 249 -18.77 5.48 8.20
C GLY A 249 -17.65 4.47 8.01
N LYS A 250 -17.90 3.21 8.33
CA LYS A 250 -16.85 2.21 8.18
C LYS A 250 -16.88 1.60 6.78
N TRP A 251 -15.95 2.04 5.94
CA TRP A 251 -15.91 1.63 4.55
C TRP A 251 -14.67 0.83 4.20
N ILE A 252 -14.75 0.14 3.07
CA ILE A 252 -13.60 -0.41 2.37
C ILE A 252 -13.42 0.45 1.12
N VAL A 253 -12.19 0.86 0.83
CA VAL A 253 -11.90 1.73 -0.30
C VAL A 253 -10.86 1.09 -1.20
N SER A 254 -11.06 1.12 -2.52
CA SER A 254 -10.07 0.58 -3.44
C SER A 254 -10.12 1.23 -4.80
N GLY A 255 -8.97 1.38 -5.44
CA GLY A 255 -8.94 1.76 -6.85
C GLY A 255 -9.43 0.63 -7.73
N SER A 256 -9.50 0.89 -9.03
CA SER A 256 -10.04 -0.08 -9.97
C SER A 256 -9.46 0.16 -11.36
N GLU A 257 -9.51 -0.86 -12.19
CA GLU A 257 -8.95 -0.80 -13.53
C GLU A 257 -9.92 -0.18 -14.54
N ASP A 258 -11.09 0.23 -14.05
CA ASP A 258 -12.00 1.04 -14.86
C ASP A 258 -11.86 2.54 -14.56
N ASN A 259 -10.76 2.91 -13.90
CA ASN A 259 -10.40 4.30 -13.58
C ASN A 259 -11.22 4.94 -12.46
N LEU A 260 -11.99 4.14 -11.72
CA LEU A 260 -12.78 4.64 -10.61
C LEU A 260 -12.21 4.27 -9.24
N VAL A 261 -12.59 5.05 -8.22
CA VAL A 261 -12.41 4.64 -6.84
C VAL A 261 -13.72 4.04 -6.33
N TYR A 262 -13.66 2.83 -5.77
CA TYR A 262 -14.83 2.18 -5.21
C TYR A 262 -14.85 2.28 -3.69
N ILE A 263 -16.03 2.51 -3.13
CA ILE A 263 -16.21 2.57 -1.70
C ILE A 263 -17.36 1.63 -1.35
N TRP A 264 -17.10 0.67 -0.45
CA TRP A 264 -18.12 -0.28 -0.01
C TRP A 264 -18.41 -0.08 1.46
N ASN A 265 -19.64 -0.41 1.86
CA ASN A 265 -19.96 -0.55 3.27
C ASN A 265 -19.31 -1.85 3.78
N LEU A 266 -18.45 -1.73 4.78
CA LEU A 266 -17.69 -2.87 5.26
C LEU A 266 -18.61 -3.99 5.75
N GLN A 267 -19.62 -3.64 6.54
CA GLN A 267 -20.48 -4.65 7.13
C GLN A 267 -21.41 -5.30 6.10
N THR A 268 -22.05 -4.48 5.26
CA THR A 268 -23.09 -4.99 4.36
C THR A 268 -22.55 -5.42 3.00
N LYS A 269 -21.34 -4.98 2.67
CA LYS A 269 -20.67 -5.30 1.40
C LYS A 269 -21.27 -4.60 0.17
N GLU A 270 -22.23 -3.70 0.38
CA GLU A 270 -22.77 -2.95 -0.75
C GLU A 270 -21.84 -1.81 -1.17
N ILE A 271 -21.82 -1.53 -2.46
CA ILE A 271 -21.12 -0.34 -2.96
C ILE A 271 -21.91 0.89 -2.54
N VAL A 272 -21.24 1.86 -1.93
CA VAL A 272 -21.94 3.08 -1.50
C VAL A 272 -21.54 4.31 -2.32
N GLN A 273 -20.40 4.25 -2.99
CA GLN A 273 -20.00 5.33 -3.90
C GLN A 273 -18.93 4.88 -4.89
N LYS A 274 -18.95 5.50 -6.07
CA LYS A 274 -17.85 5.36 -7.03
C LYS A 274 -17.37 6.75 -7.43
N LEU A 275 -16.07 6.99 -7.33
CA LEU A 275 -15.49 8.30 -7.62
C LEU A 275 -14.90 8.36 -9.02
N GLN A 276 -15.44 9.25 -9.85
CA GLN A 276 -15.04 9.37 -11.24
C GLN A 276 -14.18 10.61 -11.45
N GLY A 277 -13.15 10.50 -12.27
CA GLY A 277 -12.27 11.64 -12.53
C GLY A 277 -10.94 11.28 -13.14
N HIS A 278 -10.35 10.16 -12.71
CA HIS A 278 -9.07 9.73 -13.27
C HIS A 278 -9.20 9.24 -14.71
N THR A 279 -8.10 9.29 -15.45
CA THR A 279 -8.08 8.90 -16.85
C THR A 279 -7.27 7.62 -17.09
N ASP A 280 -6.83 6.98 -16.00
CA ASP A 280 -6.14 5.69 -16.10
C ASP A 280 -6.44 4.93 -14.83
N VAL A 281 -5.96 3.69 -14.76
CA VAL A 281 -6.15 2.82 -13.62
C VAL A 281 -5.80 3.53 -12.32
N VAL A 282 -6.66 3.42 -11.32
CA VAL A 282 -6.38 3.95 -10.00
C VAL A 282 -5.62 2.88 -9.22
N ILE A 283 -4.32 3.08 -9.06
CA ILE A 283 -3.42 2.06 -8.50
C ILE A 283 -3.39 2.10 -6.98
N SER A 284 -3.67 3.26 -6.41
CA SER A 284 -3.47 3.45 -5.00
C SER A 284 -4.47 4.44 -4.44
N THR A 285 -4.93 4.15 -3.23
CA THR A 285 -5.78 5.05 -2.47
C THR A 285 -5.29 5.07 -1.04
N ALA A 286 -5.62 6.14 -0.33
CA ALA A 286 -5.28 6.26 1.07
C ALA A 286 -6.36 7.07 1.75
N CYS A 287 -6.62 6.78 3.02
CA CYS A 287 -7.65 7.49 3.79
C CYS A 287 -6.99 8.27 4.93
N HIS A 288 -7.38 9.53 5.05
CA HIS A 288 -6.79 10.43 6.04
C HIS A 288 -7.13 9.95 7.45
N PRO A 289 -6.18 10.08 8.39
CA PRO A 289 -6.41 9.49 9.71
C PRO A 289 -7.46 10.20 10.58
N THR A 290 -7.80 11.46 10.31
CA THR A 290 -8.78 12.16 11.16
C THR A 290 -9.93 12.83 10.42
N GLU A 291 -9.69 13.20 9.17
CA GLU A 291 -10.71 13.84 8.34
C GLU A 291 -11.22 12.87 7.29
N ASN A 292 -12.46 13.08 6.81
CA ASN A 292 -13.00 12.26 5.73
C ASN A 292 -12.40 12.69 4.41
N ILE A 293 -11.14 12.29 4.18
CA ILE A 293 -10.43 12.65 2.97
C ILE A 293 -9.83 11.37 2.37
N ILE A 294 -10.04 11.19 1.07
CA ILE A 294 -9.41 10.09 0.33
C ILE A 294 -8.43 10.67 -0.68
N ALA A 295 -7.24 10.11 -0.75
CA ALA A 295 -6.29 10.41 -1.83
C ALA A 295 -6.29 9.24 -2.80
N SER A 296 -6.31 9.52 -4.09
CA SER A 296 -6.25 8.49 -5.11
C SER A 296 -5.16 8.83 -6.12
N ALA A 297 -4.52 7.81 -6.69
CA ALA A 297 -3.43 8.03 -7.64
C ALA A 297 -3.55 7.11 -8.84
N ALA A 298 -3.14 7.59 -10.00
CA ALA A 298 -3.33 6.85 -11.25
C ALA A 298 -2.05 6.63 -12.05
N LEU A 299 -2.16 5.70 -13.00
CA LEU A 299 -1.04 5.23 -13.79
C LEU A 299 -0.69 6.18 -14.94
N GLU A 300 0.11 5.69 -15.90
CA GLU A 300 0.87 6.50 -16.86
C GLU A 300 0.07 7.47 -17.73
N ASN A 301 -1.15 7.11 -18.10
CA ASN A 301 -1.93 7.98 -18.98
C ASN A 301 -2.53 9.16 -18.23
N ASP A 302 -2.43 9.14 -16.90
CA ASP A 302 -3.06 10.14 -16.02
C ASP A 302 -1.99 10.95 -15.26
N LYS A 303 -1.18 10.25 -14.46
CA LYS A 303 -0.08 10.83 -13.68
C LYS A 303 -0.48 11.76 -12.54
N THR A 304 -1.76 11.81 -12.19
CA THR A 304 -2.17 12.72 -11.13
C THR A 304 -2.64 12.00 -9.88
N ILE A 305 -2.67 12.77 -8.81
CA ILE A 305 -3.22 12.38 -7.52
C ILE A 305 -4.44 13.26 -7.30
N LYS A 306 -5.52 12.68 -6.75
CA LYS A 306 -6.71 13.47 -6.46
C LYS A 306 -7.07 13.37 -4.99
N LEU A 307 -7.56 14.48 -4.44
CA LEU A 307 -8.02 14.52 -3.06
C LEU A 307 -9.52 14.73 -3.06
N TRP A 308 -10.23 13.84 -2.39
CA TRP A 308 -11.68 13.87 -2.32
C TRP A 308 -12.07 14.04 -0.85
N LYS A 309 -13.13 14.80 -0.58
CA LYS A 309 -13.57 15.01 0.80
C LYS A 309 -15.07 14.79 0.94
N SER A 310 -15.48 14.19 2.07
CA SER A 310 -16.89 13.92 2.33
C SER A 310 -17.38 14.46 3.67
N ASP A 311 -18.70 14.53 3.82
CA ASP A 311 -19.30 14.97 5.08
C ASP A 311 -19.64 13.76 5.97
N CYS A 312 -19.44 12.56 5.44
CA CYS A 312 -19.71 11.32 6.17
C CYS A 312 -18.71 10.23 5.77
N GLN B 3 8.91 -0.91 -18.69
CA GLN B 3 8.72 0.15 -19.68
C GLN B 3 7.96 1.34 -19.10
N THR B 4 7.11 1.08 -18.10
CA THR B 4 6.45 2.16 -17.38
C THR B 4 7.35 2.73 -16.30
N GLY B 5 8.35 1.95 -15.89
CA GLY B 5 9.36 2.47 -14.97
C GLY B 5 9.36 1.90 -13.56
N SER B 6 8.27 1.26 -13.13
CA SER B 6 8.30 0.55 -11.85
C SER B 6 7.54 -0.77 -11.95
N ALA B 7 7.89 -1.73 -11.11
CA ALA B 7 7.22 -3.02 -11.14
C ALA B 7 5.71 -2.87 -10.90
N ARG B 8 5.31 -2.04 -9.93
CA ARG B 8 3.88 -1.89 -9.67
C ARG B 8 3.12 -1.25 -10.83
N SER B 9 3.70 -0.24 -11.47
CA SER B 9 2.98 0.42 -12.56
C SER B 9 2.98 -0.41 -13.84
N GLU B 10 3.84 -1.43 -13.89
CA GLU B 10 3.89 -2.31 -15.06
C GLU B 10 2.77 -3.35 -15.04
N GLY B 11 2.38 -3.79 -13.85
CA GLY B 11 1.34 -4.79 -13.73
C GLY B 11 1.84 -6.21 -13.82
N TYR B 12 0.95 -7.14 -13.52
CA TYR B 12 1.25 -8.58 -13.51
C TYR B 12 1.79 -9.04 -14.86
#